data_6G9I
#
_entry.id   6G9I
#
_cell.length_a   114.206
_cell.length_b   114.206
_cell.length_c   306.426
_cell.angle_alpha   90.00
_cell.angle_beta   90.00
_cell.angle_gamma   120.00
#
_symmetry.space_group_name_H-M   'H 3 2'
#
loop_
_entity.id
_entity.type
_entity.pdbx_description
1 polymer 'Envelope glycoprotein,Envelope glycoprotein'
2 polymer 'Envelope glycoprotein,Envelope glycoprotein'
3 branched alpha-D-mannopyranose-(1-6)-beta-D-mannopyranose-(1-4)-2-acetamido-2-deoxy-beta-D-glucopyranose-(1-4)-2-acetamido-2-deoxy-beta-D-glucopyranose
4 non-polymer 2-acetamido-2-deoxy-beta-D-glucopyranose
5 non-polymer GLYCEROL
6 non-polymer 3-(3-CHLORO-5H-DIBENZO[B,F]AZEPIN-5-YL)-N,N-DIMETHYLPROPAN-1-AMINE
7 water water
#
loop_
_entity_poly.entity_id
_entity_poly.type
_entity_poly.pdbx_seq_one_letter_code
_entity_poly.pdbx_strand_id
1 'polypeptide(L)'
;ETGRSIPLGVIHNSALQVSDVDKLVCRDKLSSTNQLRSVGLNLEGNGVATDVPSATKRWGFRSGVPPKVVNYEAGEWAEN
CYNLEIKKPDGSECLPAAPDGIRGFPRCRYVHKVSGTGPCAGDFAFHKEGAFFLYDRLASTVIYRGTTFAEGVVAFLILP
QAKKDFFSSHPLREPVNATEDPSSGYYSTTIRYQATGFGTNETEYLFEVDNLTYVQLESRFTPQFLLQLNETIYTSGKRS
NTTGKLIWKVNPEIDTTIGEWAFWETKKNLTRKIRSEELSFTVV(UNK)(UNK)(UNK)(UNK)(UNK)(UNK)(UNK)S
THHQDTGEESASSGKLGLITNTIAGVAGLITGGRRTRR
;
A
2 'polypeptide(L)'
;EAIVNAQPKCNPNLHYWTTQDEGAAIGLAWIPYFGPAAEGIYIEGLMHNQDGLICGLRQLANETTQALQLFLRATTELRT
FSILNRKAIDFLLQRWGGTCHILGPDCCIEPADWTKNITDKIDQIIHDFVDGSGYIPEAPRDGQAYVRKDGEWVLLSTFL
GTHHHHHH
;
B
#
loop_
_chem_comp.id
_chem_comp.type
_chem_comp.name
_chem_comp.formula
BMA D-saccharide, beta linking beta-D-mannopyranose 'C6 H12 O6'
CXX non-polymer 3-(3-CHLORO-5H-DIBENZO[B,F]AZEPIN-5-YL)-N,N-DIMETHYLPROPAN-1-AMINE 'C19 H23 Cl N2'
GOL non-polymer GLYCEROL 'C3 H8 O3'
MAN D-saccharide, alpha linking alpha-D-mannopyranose 'C6 H12 O6'
NAG D-saccharide, beta linking 2-acetamido-2-deoxy-beta-D-glucopyranose 'C8 H15 N O6'
#
# COMPACT_ATOMS: atom_id res chain seq x y z
N SER A 5 -8.52 11.04 15.72
CA SER A 5 -9.50 10.54 14.77
C SER A 5 -8.85 10.17 13.44
N ILE A 6 -9.31 9.08 12.84
CA ILE A 6 -8.75 8.63 11.57
C ILE A 6 -9.15 9.62 10.48
N PRO A 7 -8.20 10.24 9.80
CA PRO A 7 -8.55 11.23 8.77
C PRO A 7 -9.33 10.62 7.62
N LEU A 8 -10.15 11.45 6.99
CA LEU A 8 -10.96 11.07 5.83
C LEU A 8 -10.76 12.11 4.74
N GLY A 9 -10.36 11.65 3.55
CA GLY A 9 -10.10 12.58 2.45
C GLY A 9 -11.37 12.94 1.69
N VAL A 10 -11.49 14.22 1.36
CA VAL A 10 -12.63 14.71 0.56
C VAL A 10 -12.13 15.82 -0.35
N ILE A 11 -12.72 15.90 -1.54
CA ILE A 11 -12.34 16.90 -2.54
C ILE A 11 -13.18 18.15 -2.32
N HIS A 12 -12.51 19.28 -2.07
CA HIS A 12 -13.15 20.59 -1.99
C HIS A 12 -12.31 21.61 -2.75
N ASN A 13 -12.98 22.49 -3.49
CA ASN A 13 -12.32 23.54 -4.26
C ASN A 13 -11.22 22.98 -5.16
N SER A 14 -11.53 21.88 -5.84
CA SER A 14 -10.60 21.23 -6.77
C SER A 14 -9.31 20.81 -6.07
N ALA A 15 -9.40 20.43 -4.80
CA ALA A 15 -8.23 20.04 -4.04
C ALA A 15 -8.61 19.02 -2.99
N LEU A 16 -7.75 18.03 -2.80
CA LEU A 16 -7.94 17.06 -1.74
C LEU A 16 -7.61 17.70 -0.40
N GLN A 17 -8.48 17.49 0.59
CA GLN A 17 -8.16 17.94 1.93
C GLN A 17 -8.64 16.94 2.97
N VAL A 18 -8.08 17.05 4.17
CA VAL A 18 -8.50 16.26 5.31
C VAL A 18 -9.74 16.90 5.92
N SER A 19 -10.75 16.07 6.18
N SER A 19 -10.78 16.09 6.14
CA SER A 19 -11.86 16.44 7.03
CA SER A 19 -12.04 16.61 6.62
C SER A 19 -12.24 15.20 7.83
C SER A 19 -11.98 16.91 8.12
N ASP A 20 -13.44 15.20 8.37
N ASP A 20 -12.53 18.04 8.51
CA ASP A 20 -14.03 14.00 8.94
CA ASP A 20 -12.48 18.49 9.90
C ASP A 20 -15.53 14.12 8.83
C ASP A 20 -13.63 17.88 10.70
N VAL A 21 -16.22 12.99 8.99
N VAL A 21 -13.29 17.28 11.85
CA VAL A 21 -17.67 12.97 8.94
CA VAL A 21 -14.27 16.56 12.64
C VAL A 21 -18.27 13.97 9.91
C VAL A 21 -15.19 17.51 13.43
N ASP A 22 -17.57 14.27 11.00
N ASP A 22 -14.76 18.73 13.71
CA ASP A 22 -18.09 15.18 12.01
CA ASP A 22 -15.55 19.66 14.50
C ASP A 22 -17.95 16.64 11.59
C ASP A 22 -16.54 20.47 13.67
N LYS A 23 -16.89 17.00 10.87
N LYS A 23 -16.42 20.45 12.35
CA LYS A 23 -16.61 18.39 10.51
CA LYS A 23 -17.27 21.23 11.47
C LYS A 23 -16.82 18.64 9.02
C LYS A 23 -18.21 20.32 10.69
N LEU A 24 -17.91 18.12 8.47
N LEU A 24 -19.37 20.86 10.31
CA LEU A 24 -18.30 18.42 7.10
CA LEU A 24 -20.37 20.15 9.54
C LEU A 24 -19.44 19.43 7.09
C LEU A 24 -20.64 20.90 8.24
N VAL A 25 -19.72 19.96 5.90
N VAL A 25 -20.56 20.20 7.12
CA VAL A 25 -20.83 20.86 5.70
CA VAL A 25 -20.83 20.75 5.79
C VAL A 25 -22.00 20.07 5.14
C VAL A 25 -22.04 20.00 5.23
N CYS A 26 -23.20 20.67 5.19
CA CYS A 26 -24.40 20.01 4.71
C CYS A 26 -24.38 19.74 3.21
N ARG A 27 -23.55 20.46 2.45
CA ARG A 27 -23.52 20.25 1.01
C ARG A 27 -22.85 18.94 0.64
N ASP A 28 -21.90 18.48 1.45
CA ASP A 28 -21.28 17.18 1.21
C ASP A 28 -22.30 16.08 1.34
N LYS A 29 -22.35 15.20 0.34
CA LYS A 29 -23.37 14.17 0.24
C LYS A 29 -22.72 12.79 0.25
N LEU A 30 -23.19 11.93 1.16
CA LEU A 30 -22.78 10.53 1.21
C LEU A 30 -24.02 9.71 0.95
N SER A 31 -24.19 9.26 -0.29
CA SER A 31 -25.42 8.60 -0.71
C SER A 31 -25.35 7.09 -0.58
N SER A 32 -24.18 6.53 -0.30
CA SER A 32 -23.99 5.09 -0.27
C SER A 32 -22.64 4.78 0.37
N THR A 33 -22.56 3.60 0.99
CA THR A 33 -21.27 3.11 1.46
C THR A 33 -20.30 2.85 0.31
N ASN A 34 -20.79 2.78 -0.93
CA ASN A 34 -19.92 2.68 -2.09
C ASN A 34 -19.07 3.94 -2.28
N GLN A 35 -19.56 5.09 -1.83
CA GLN A 35 -18.81 6.34 -1.93
C GLN A 35 -17.60 6.36 -1.00
N LEU A 36 -17.50 5.44 -0.06
CA LEU A 36 -16.36 5.37 0.86
C LEU A 36 -15.37 4.34 0.32
N ARG A 37 -14.08 4.71 0.32
CA ARG A 37 -13.06 3.83 -0.25
C ARG A 37 -11.79 3.87 0.60
N SER A 38 -11.19 2.70 0.78
CA SER A 38 -9.87 2.59 1.38
C SER A 38 -8.86 2.23 0.29
N VAL A 39 -7.72 2.91 0.31
CA VAL A 39 -6.71 2.77 -0.73
C VAL A 39 -5.35 2.57 -0.06
N GLY A 40 -4.60 1.59 -0.54
CA GLY A 40 -3.22 1.38 -0.10
C GLY A 40 -2.25 2.00 -1.09
N LEU A 41 -1.35 2.84 -0.57
CA LEU A 41 -0.35 3.54 -1.36
C LEU A 41 1.04 3.05 -1.00
N ASN A 42 1.88 2.83 -2.00
CA ASN A 42 3.19 2.22 -1.79
C ASN A 42 4.24 3.27 -1.42
N LEU A 43 5.08 2.94 -0.43
CA LEU A 43 6.20 3.82 -0.06
C LEU A 43 7.09 4.13 -1.26
N GLU A 44 7.19 3.19 -2.20
CA GLU A 44 7.87 3.40 -3.48
C GLU A 44 7.56 4.76 -4.09
N GLY A 45 6.26 5.11 -4.11
CA GLY A 45 5.84 6.33 -4.77
C GLY A 45 6.21 7.60 -4.04
N ASN A 46 6.82 7.49 -2.85
CA ASN A 46 7.32 8.65 -2.12
C ASN A 46 8.81 8.84 -2.25
N GLY A 47 9.50 7.98 -3.00
CA GLY A 47 10.91 8.15 -3.27
C GLY A 47 11.85 7.37 -2.38
N VAL A 48 11.35 6.41 -1.58
CA VAL A 48 12.22 5.67 -0.69
C VAL A 48 13.07 4.69 -1.48
N ALA A 49 14.26 4.41 -0.97
CA ALA A 49 15.13 3.43 -1.59
C ALA A 49 14.51 2.04 -1.50
N THR A 50 14.55 1.30 -2.61
CA THR A 50 13.87 0.02 -2.72
C THR A 50 14.81 -1.17 -2.81
N ASP A 51 16.11 -0.94 -2.95
CA ASP A 51 17.06 -2.04 -2.94
C ASP A 51 16.95 -2.81 -1.63
N VAL A 52 17.21 -4.12 -1.71
CA VAL A 52 17.08 -5.00 -0.55
C VAL A 52 17.87 -4.50 0.66
N PRO A 53 19.15 -4.10 0.52
CA PRO A 53 19.86 -3.61 1.73
C PRO A 53 19.18 -2.43 2.39
N SER A 54 18.70 -1.45 1.62
CA SER A 54 18.04 -0.31 2.23
C SER A 54 16.69 -0.69 2.80
N ALA A 55 15.93 -1.51 2.09
CA ALA A 55 14.57 -1.85 2.51
C ALA A 55 14.57 -2.62 3.82
N THR A 56 15.42 -3.65 3.94
CA THR A 56 15.42 -4.50 5.12
C THR A 56 15.84 -3.74 6.38
N LYS A 57 16.57 -2.63 6.25
CA LYS A 57 16.92 -1.83 7.41
C LYS A 57 15.73 -1.11 8.02
N ARG A 58 14.60 -1.03 7.30
CA ARG A 58 13.41 -0.39 7.82
C ARG A 58 12.55 -1.35 8.64
N TRP A 59 12.93 -2.62 8.76
CA TRP A 59 12.16 -3.62 9.48
C TRP A 59 12.97 -4.16 10.65
N GLY A 60 12.29 -4.47 11.75
CA GLY A 60 12.96 -4.95 12.94
C GLY A 60 12.03 -5.84 13.75
N PHE A 61 12.64 -6.68 14.58
CA PHE A 61 11.92 -7.62 15.40
C PHE A 61 11.64 -7.05 16.78
N ARG A 62 10.48 -7.42 17.33
CA ARG A 62 10.00 -6.88 18.60
C ARG A 62 9.04 -7.87 19.23
N SER A 63 9.12 -8.03 20.55
CA SER A 63 8.18 -8.86 21.28
C SER A 63 7.26 -7.99 22.13
N GLY A 64 6.13 -8.57 22.54
CA GLY A 64 5.20 -7.90 23.41
C GLY A 64 4.09 -7.12 22.73
N VAL A 65 4.12 -6.99 21.41
CA VAL A 65 3.14 -6.21 20.66
C VAL A 65 2.31 -7.17 19.79
N PRO A 66 1.01 -7.31 20.04
CA PRO A 66 0.19 -8.21 19.23
C PRO A 66 0.04 -7.67 17.81
N PRO A 67 0.16 -8.53 16.80
CA PRO A 67 -0.03 -8.06 15.41
C PRO A 67 -1.45 -7.65 15.13
N LYS A 68 -1.61 -6.74 14.17
CA LYS A 68 -2.92 -6.21 13.81
C LYS A 68 -3.04 -6.14 12.29
N VAL A 69 -4.25 -6.42 11.80
CA VAL A 69 -4.52 -6.46 10.37
C VAL A 69 -5.73 -5.56 10.08
N VAL A 70 -5.64 -4.78 8.99
CA VAL A 70 -6.74 -3.95 8.53
C VAL A 70 -6.89 -4.14 7.02
N ASN A 71 -8.13 -4.19 6.55
CA ASN A 71 -8.33 -4.39 5.13
C ASN A 71 -8.27 -3.07 4.37
N TYR A 72 -7.96 -3.17 3.09
CA TYR A 72 -8.04 -2.05 2.16
C TYR A 72 -8.54 -2.59 0.83
N GLU A 73 -9.26 -1.75 0.09
CA GLU A 73 -10.01 -2.21 -1.07
C GLU A 73 -9.26 -2.07 -2.38
N ALA A 74 -8.36 -1.09 -2.50
CA ALA A 74 -7.67 -0.84 -3.75
C ALA A 74 -6.22 -0.54 -3.45
N GLY A 75 -5.35 -0.93 -4.38
CA GLY A 75 -3.92 -0.77 -4.20
C GLY A 75 -3.27 -0.27 -5.47
N GLU A 76 -1.96 -0.09 -5.39
CA GLU A 76 -1.14 0.44 -6.47
C GLU A 76 -0.22 -0.65 -6.98
N TRP A 77 -0.05 -0.72 -8.30
CA TRP A 77 0.93 -1.64 -8.87
C TRP A 77 2.32 -1.31 -8.34
N ALA A 78 3.01 -2.32 -7.85
CA ALA A 78 4.32 -2.13 -7.23
C ALA A 78 5.43 -2.52 -8.19
N GLU A 79 6.52 -1.75 -8.19
CA GLU A 79 7.71 -2.18 -8.89
C GLU A 79 8.52 -3.17 -8.07
N ASN A 80 8.58 -2.96 -6.75
CA ASN A 80 9.37 -3.80 -5.85
C ASN A 80 8.47 -4.39 -4.77
N CYS A 81 8.54 -5.70 -4.61
CA CYS A 81 7.94 -6.38 -3.47
C CYS A 81 9.00 -7.29 -2.85
N TYR A 82 8.69 -7.81 -1.66
CA TYR A 82 9.65 -8.59 -0.91
C TYR A 82 8.98 -9.84 -0.35
N ASN A 83 9.77 -10.91 -0.23
CA ASN A 83 9.28 -12.22 0.20
C ASN A 83 10.41 -12.86 1.01
N LEU A 84 10.19 -13.07 2.31
CA LEU A 84 11.26 -13.38 3.26
C LEU A 84 11.15 -14.80 3.77
N GLU A 85 12.28 -15.54 3.74
CA GLU A 85 12.41 -16.86 4.35
C GLU A 85 13.65 -16.81 5.26
N ILE A 86 13.47 -16.30 6.47
CA ILE A 86 14.56 -16.09 7.41
C ILE A 86 14.46 -17.10 8.54
N LYS A 87 15.60 -17.71 8.89
CA LYS A 87 15.70 -18.62 10.01
C LYS A 87 16.76 -18.12 10.99
N LYS A 88 16.71 -18.63 12.21
CA LYS A 88 17.83 -18.47 13.11
C LYS A 88 18.92 -19.48 12.76
N PRO A 89 20.16 -19.23 13.16
CA PRO A 89 21.24 -20.21 12.89
C PRO A 89 20.95 -21.62 13.38
N ASP A 90 20.11 -21.78 14.40
CA ASP A 90 19.74 -23.11 14.87
C ASP A 90 18.64 -23.76 14.03
N GLY A 91 18.18 -23.09 12.96
CA GLY A 91 17.23 -23.67 12.04
C GLY A 91 15.78 -23.27 12.27
N SER A 92 15.46 -22.67 13.41
CA SER A 92 14.06 -22.35 13.70
C SER A 92 13.60 -21.15 12.88
N GLU A 93 12.30 -21.10 12.63
CA GLU A 93 11.73 -20.05 11.80
C GLU A 93 11.67 -18.73 12.55
N CYS A 94 12.04 -17.66 11.87
CA CYS A 94 11.95 -16.31 12.44
C CYS A 94 10.59 -15.66 12.23
N LEU A 95 9.86 -16.06 11.18
CA LEU A 95 8.62 -15.42 10.82
C LEU A 95 7.45 -16.40 10.86
N PRO A 96 6.26 -15.96 11.26
CA PRO A 96 5.11 -16.87 11.31
C PRO A 96 4.57 -17.13 9.92
N ALA A 97 3.97 -18.31 9.76
CA ALA A 97 3.23 -18.64 8.54
C ALA A 97 2.10 -17.64 8.32
N ALA A 98 1.78 -17.39 7.06
CA ALA A 98 0.69 -16.49 6.71
C ALA A 98 -0.62 -17.03 7.27
N PRO A 99 -1.34 -16.24 8.08
CA PRO A 99 -2.67 -16.67 8.54
C PRO A 99 -3.60 -16.98 7.37
N ASP A 100 -4.64 -17.76 7.66
CA ASP A 100 -5.64 -18.13 6.67
C ASP A 100 -6.22 -16.88 5.99
N GLY A 101 -6.23 -16.87 4.66
CA GLY A 101 -6.81 -15.79 3.90
C GLY A 101 -5.90 -14.62 3.63
N ILE A 102 -4.63 -14.70 4.00
CA ILE A 102 -3.68 -13.64 3.73
C ILE A 102 -2.78 -14.12 2.60
N ARG A 103 -2.95 -13.53 1.41
CA ARG A 103 -2.18 -13.86 0.22
C ARG A 103 -1.23 -12.72 -0.14
N GLY A 104 -0.29 -13.03 -1.03
CA GLY A 104 0.69 -12.04 -1.42
C GLY A 104 0.09 -10.84 -2.14
N PHE A 105 0.83 -9.73 -2.08
CA PHE A 105 0.48 -8.53 -2.84
C PHE A 105 0.30 -8.89 -4.31
N PRO A 106 -0.80 -8.47 -4.95
CA PRO A 106 -1.17 -9.05 -6.25
C PRO A 106 -0.48 -8.45 -7.47
N ARG A 107 0.25 -7.34 -7.35
CA ARG A 107 0.85 -6.67 -8.51
C ARG A 107 2.26 -6.24 -8.15
N CYS A 108 3.25 -7.06 -8.55
CA CYS A 108 4.66 -6.82 -8.26
C CYS A 108 5.46 -7.04 -9.53
N ARG A 109 6.16 -6.00 -9.99
CA ARG A 109 7.05 -6.19 -11.13
C ARG A 109 8.24 -7.06 -10.76
N TYR A 110 8.87 -6.79 -9.61
CA TYR A 110 9.99 -7.56 -9.11
C TYR A 110 9.69 -8.04 -7.70
N VAL A 111 9.82 -9.35 -7.47
CA VAL A 111 9.68 -9.92 -6.14
C VAL A 111 11.08 -10.25 -5.65
N HIS A 112 11.56 -9.47 -4.68
CA HIS A 112 12.86 -9.71 -4.08
C HIS A 112 12.71 -10.78 -3.01
N LYS A 113 13.08 -12.01 -3.34
CA LYS A 113 12.91 -13.14 -2.43
C LYS A 113 14.23 -13.36 -1.68
N VAL A 114 14.19 -13.15 -0.37
CA VAL A 114 15.38 -13.21 0.47
C VAL A 114 15.30 -14.44 1.36
N SER A 115 16.31 -15.30 1.27
CA SER A 115 16.45 -16.45 2.15
C SER A 115 17.76 -16.31 2.91
N GLY A 116 17.74 -16.63 4.20
CA GLY A 116 18.98 -16.62 4.96
C GLY A 116 18.74 -16.68 6.45
N THR A 117 19.68 -16.11 7.19
CA THR A 117 19.71 -16.25 8.64
C THR A 117 19.93 -14.90 9.32
N GLY A 118 19.51 -14.84 10.57
CA GLY A 118 19.69 -13.69 11.42
C GLY A 118 19.33 -14.02 12.85
N PRO A 119 19.72 -13.15 13.79
CA PRO A 119 19.39 -13.45 15.20
C PRO A 119 17.90 -13.37 15.49
N CYS A 120 17.16 -12.48 14.81
CA CYS A 120 15.70 -12.36 14.95
C CYS A 120 15.28 -12.23 16.42
N ALA A 121 15.78 -11.18 17.06
CA ALA A 121 15.58 -10.99 18.51
C ALA A 121 14.22 -10.35 18.77
N GLY A 122 13.17 -11.11 18.48
CA GLY A 122 11.80 -10.65 18.65
C GLY A 122 10.77 -11.57 18.03
N ASP A 123 9.55 -11.57 18.59
CA ASP A 123 8.54 -12.50 18.13
C ASP A 123 8.00 -12.14 16.74
N PHE A 124 7.89 -10.85 16.44
CA PHE A 124 7.34 -10.41 15.17
C PHE A 124 8.23 -9.33 14.58
N ALA A 125 8.21 -9.22 13.25
CA ALA A 125 8.97 -8.22 12.51
C ALA A 125 8.03 -7.08 12.13
N PHE A 126 8.35 -5.87 12.58
CA PHE A 126 7.54 -4.69 12.38
C PHE A 126 8.26 -3.70 11.47
N HIS A 127 7.53 -2.70 11.02
CA HIS A 127 8.11 -1.60 10.25
C HIS A 127 8.58 -0.52 11.21
N LYS A 128 9.89 -0.21 11.16
CA LYS A 128 10.47 0.73 12.11
C LYS A 128 9.92 2.15 11.94
N GLU A 129 9.35 2.47 10.78
CA GLU A 129 8.81 3.80 10.54
C GLU A 129 7.29 3.85 10.69
N GLY A 130 6.67 2.77 11.16
CA GLY A 130 5.24 2.75 11.37
C GLY A 130 4.41 2.42 10.16
N ALA A 131 5.03 2.13 9.03
CA ALA A 131 4.28 1.80 7.84
C ALA A 131 3.71 0.38 7.97
N PHE A 132 2.94 -0.02 6.97
CA PHE A 132 2.30 -1.33 6.96
C PHE A 132 2.96 -2.22 5.92
N PHE A 133 2.80 -3.52 6.11
CA PHE A 133 3.14 -4.50 5.09
C PHE A 133 1.84 -4.82 4.35
N LEU A 134 1.81 -4.51 3.06
CA LEU A 134 0.60 -4.64 2.27
C LEU A 134 0.58 -6.00 1.59
N TYR A 135 -0.47 -6.78 1.87
CA TYR A 135 -0.72 -8.06 1.23
C TYR A 135 -1.92 -7.90 0.28
N ASP A 136 -2.59 -9.01 -0.01
CA ASP A 136 -3.75 -9.00 -0.90
C ASP A 136 -4.94 -8.38 -0.16
N ARG A 137 -5.08 -7.07 -0.28
CA ARG A 137 -6.20 -6.30 0.28
C ARG A 137 -6.29 -6.40 1.79
N LEU A 138 -5.19 -6.77 2.43
CA LEU A 138 -5.05 -6.79 3.88
C LEU A 138 -3.70 -6.19 4.21
N ALA A 139 -3.70 -5.20 5.10
CA ALA A 139 -2.48 -4.55 5.57
C ALA A 139 -2.19 -5.03 6.99
N SER A 140 -0.97 -5.45 7.23
CA SER A 140 -0.58 -5.97 8.53
C SER A 140 0.56 -5.15 9.10
N THR A 141 0.64 -5.12 10.43
CA THR A 141 1.79 -4.50 11.09
C THR A 141 3.03 -5.39 11.10
N VAL A 142 2.93 -6.67 10.68
CA VAL A 142 4.03 -7.60 10.78
C VAL A 142 4.26 -8.34 9.47
N ILE A 143 5.45 -8.94 9.34
CA ILE A 143 5.84 -9.69 8.15
C ILE A 143 5.50 -11.16 8.35
N TYR A 144 4.86 -11.77 7.36
CA TYR A 144 4.61 -13.20 7.37
C TYR A 144 5.61 -13.93 6.48
N ARG A 145 5.90 -15.16 6.87
CA ARG A 145 6.90 -15.98 6.19
C ARG A 145 6.46 -16.27 4.76
N GLY A 146 7.41 -16.14 3.83
CA GLY A 146 7.20 -16.59 2.47
C GLY A 146 6.03 -15.93 1.75
N THR A 147 5.64 -14.74 2.18
CA THR A 147 4.43 -14.09 1.67
C THR A 147 4.82 -12.72 1.11
N THR A 148 4.56 -12.54 -0.18
CA THR A 148 4.98 -11.33 -0.88
C THR A 148 4.21 -10.11 -0.40
N PHE A 149 4.93 -9.05 -0.05
CA PHE A 149 4.32 -7.82 0.43
C PHE A 149 4.98 -6.62 -0.23
N ALA A 150 4.27 -5.49 -0.18
CA ALA A 150 4.81 -4.19 -0.50
C ALA A 150 4.71 -3.32 0.75
N GLU A 151 5.69 -2.44 0.94
CA GLU A 151 5.60 -1.48 2.03
C GLU A 151 4.63 -0.38 1.64
N GLY A 152 3.73 -0.02 2.55
CA GLY A 152 2.80 1.03 2.16
C GLY A 152 1.99 1.55 3.34
N VAL A 153 1.04 2.42 3.00
CA VAL A 153 0.17 3.09 3.96
C VAL A 153 -1.23 3.19 3.36
N VAL A 154 -2.21 3.41 4.24
CA VAL A 154 -3.62 3.34 3.86
C VAL A 154 -4.25 4.73 4.01
N ALA A 155 -5.08 5.10 3.04
CA ALA A 155 -5.91 6.29 3.10
C ALA A 155 -7.38 5.91 2.97
N PHE A 156 -8.26 6.77 3.52
CA PHE A 156 -9.69 6.61 3.45
C PHE A 156 -10.31 7.84 2.80
N LEU A 157 -11.25 7.62 1.87
CA LEU A 157 -11.77 8.69 1.02
C LEU A 157 -13.29 8.65 0.96
N ILE A 158 -13.86 9.83 0.77
CA ILE A 158 -15.23 10.00 0.28
C ILE A 158 -15.12 10.38 -1.18
N LEU A 159 -15.57 9.50 -2.07
CA LEU A 159 -15.57 9.83 -3.48
C LEU A 159 -16.63 10.89 -3.78
N PRO A 160 -16.36 11.79 -4.72
CA PRO A 160 -17.46 12.58 -5.27
C PRO A 160 -18.45 11.63 -5.94
N GLN A 161 -19.68 12.11 -6.06
CA GLN A 161 -20.79 11.24 -6.39
C GLN A 161 -20.81 10.89 -7.86
N ALA A 162 -20.23 11.73 -8.70
CA ALA A 162 -19.97 11.39 -10.10
C ALA A 162 -18.75 12.15 -10.60
N SER A 184 -1.94 -3.08 -21.22
CA SER A 184 -0.81 -4.00 -21.12
C SER A 184 -1.04 -5.04 -20.01
N GLY A 185 -0.44 -6.21 -20.18
CA GLY A 185 -0.61 -7.30 -19.24
C GLY A 185 0.18 -7.10 -17.96
N TYR A 186 0.28 -8.18 -17.19
CA TYR A 186 0.95 -8.18 -15.90
C TYR A 186 2.09 -9.19 -15.93
N TYR A 187 3.31 -8.70 -15.71
CA TYR A 187 4.51 -9.53 -15.67
C TYR A 187 5.19 -9.38 -14.33
N SER A 188 5.66 -10.50 -13.78
CA SER A 188 6.34 -10.49 -12.49
C SER A 188 7.60 -11.34 -12.59
N THR A 189 8.68 -10.88 -11.95
CA THR A 189 9.97 -11.55 -12.01
C THR A 189 10.51 -11.71 -10.60
N THR A 190 10.94 -12.92 -10.25
CA THR A 190 11.47 -13.19 -8.93
C THR A 190 12.99 -13.05 -8.95
N ILE A 191 13.52 -12.27 -8.01
CA ILE A 191 14.95 -12.05 -7.87
C ILE A 191 15.34 -12.60 -6.51
N ARG A 192 16.21 -13.61 -6.50
CA ARG A 192 16.53 -14.39 -5.30
C ARG A 192 17.82 -13.91 -4.67
N TYR A 193 17.82 -13.84 -3.34
CA TYR A 193 18.97 -13.40 -2.58
C TYR A 193 19.24 -14.35 -1.42
N GLN A 194 20.50 -14.43 -1.03
CA GLN A 194 20.91 -15.07 0.21
C GLN A 194 21.39 -14.00 1.18
N ALA A 195 21.12 -14.21 2.46
CA ALA A 195 21.43 -13.21 3.48
C ALA A 195 22.02 -13.86 4.71
N THR A 196 22.99 -13.19 5.33
CA THR A 196 23.49 -13.55 6.65
C THR A 196 23.45 -12.32 7.53
N GLY A 197 23.25 -12.55 8.83
CA GLY A 197 23.12 -11.44 9.76
C GLY A 197 21.91 -10.56 9.46
N PHE A 198 20.80 -11.17 9.05
CA PHE A 198 19.60 -10.41 8.72
C PHE A 198 19.09 -9.66 9.94
N GLY A 199 18.65 -8.41 9.70
CA GLY A 199 18.09 -7.60 10.77
C GLY A 199 19.10 -7.00 11.72
N THR A 200 20.37 -6.91 11.33
CA THR A 200 21.39 -6.31 12.19
C THR A 200 22.14 -5.20 11.46
N ASN A 201 23.22 -4.71 12.07
CA ASN A 201 24.06 -3.72 11.42
C ASN A 201 25.06 -4.36 10.46
N GLU A 202 25.42 -5.62 10.68
CA GLU A 202 26.36 -6.32 9.81
C GLU A 202 25.66 -7.36 8.93
N THR A 203 24.72 -6.92 8.10
CA THR A 203 24.04 -7.81 7.17
C THR A 203 24.80 -7.83 5.84
N GLU A 204 24.91 -9.02 5.25
CA GLU A 204 25.58 -9.20 3.96
C GLU A 204 24.65 -9.97 3.04
N TYR A 205 24.64 -9.58 1.77
CA TYR A 205 23.68 -10.10 0.81
C TYR A 205 24.40 -10.64 -0.43
N LEU A 206 23.82 -11.68 -1.02
CA LEU A 206 24.29 -12.25 -2.28
C LEU A 206 23.12 -12.38 -3.24
N PHE A 207 23.29 -11.87 -4.46
CA PHE A 207 22.33 -12.13 -5.51
C PHE A 207 22.59 -13.52 -6.09
N GLU A 208 21.53 -14.30 -6.27
CA GLU A 208 21.66 -15.70 -6.67
C GLU A 208 21.50 -15.84 -8.19
N VAL A 209 22.55 -16.30 -8.85
CA VAL A 209 22.48 -16.62 -10.28
C VAL A 209 22.00 -18.05 -10.49
N ASP A 210 22.65 -19.01 -9.84
CA ASP A 210 22.11 -20.36 -9.68
C ASP A 210 22.46 -20.82 -8.27
N ASN A 211 22.25 -22.11 -7.98
CA ASN A 211 22.45 -22.59 -6.63
C ASN A 211 23.91 -22.58 -6.19
N LEU A 212 24.85 -22.35 -7.10
CA LEU A 212 26.26 -22.26 -6.75
C LEU A 212 26.96 -21.05 -7.36
N THR A 213 26.23 -20.15 -8.01
CA THR A 213 26.82 -18.94 -8.58
C THR A 213 26.12 -17.73 -7.99
N TYR A 214 26.89 -16.84 -7.36
CA TYR A 214 26.33 -15.71 -6.65
C TYR A 214 27.12 -14.45 -6.99
N VAL A 215 26.48 -13.31 -6.75
CA VAL A 215 27.09 -12.00 -6.93
C VAL A 215 26.94 -11.24 -5.63
N GLN A 216 28.04 -10.68 -5.14
CA GLN A 216 28.00 -9.86 -3.93
C GLN A 216 27.14 -8.63 -4.18
N LEU A 217 26.12 -8.43 -3.33
CA LEU A 217 25.12 -7.41 -3.58
C LEU A 217 25.57 -6.04 -3.09
N GLU A 218 25.26 -5.01 -3.89
CA GLU A 218 25.47 -3.62 -3.51
C GLU A 218 24.15 -2.88 -3.50
N SER A 219 24.07 -1.82 -2.70
CA SER A 219 22.84 -1.04 -2.62
C SER A 219 22.49 -0.38 -3.95
N ARG A 220 23.49 -0.05 -4.75
CA ARG A 220 23.28 0.66 -6.01
C ARG A 220 22.76 -0.23 -7.13
N PHE A 221 22.66 -1.54 -6.91
CA PHE A 221 22.25 -2.46 -7.96
C PHE A 221 20.73 -2.38 -8.13
N THR A 222 20.28 -1.99 -9.33
CA THR A 222 18.86 -1.96 -9.64
C THR A 222 18.38 -3.34 -10.06
N PRO A 223 17.06 -3.58 -10.03
CA PRO A 223 16.55 -4.86 -10.54
C PRO A 223 16.94 -5.15 -11.99
N GLN A 224 16.89 -4.12 -12.85
CA GLN A 224 17.23 -4.33 -14.26
C GLN A 224 18.69 -4.70 -14.43
N PHE A 225 19.58 -4.11 -13.61
CA PHE A 225 20.99 -4.46 -13.69
C PHE A 225 21.24 -5.89 -13.21
N LEU A 226 20.55 -6.31 -12.15
CA LEU A 226 20.72 -7.68 -11.67
C LEU A 226 20.28 -8.68 -12.72
N LEU A 227 19.16 -8.40 -13.40
CA LEU A 227 18.68 -9.32 -14.44
C LEU A 227 19.62 -9.34 -15.64
N GLN A 228 20.20 -8.19 -15.99
CA GLN A 228 21.14 -8.16 -17.10
C GLN A 228 22.46 -8.79 -16.71
N LEU A 229 22.92 -8.56 -15.48
CA LEU A 229 24.09 -9.25 -14.99
C LEU A 229 23.87 -10.76 -14.97
N ASN A 230 22.67 -11.20 -14.60
CA ASN A 230 22.35 -12.62 -14.60
C ASN A 230 22.38 -13.20 -16.00
N GLU A 231 21.79 -12.49 -16.98
CA GLU A 231 21.76 -13.00 -18.34
C GLU A 231 23.15 -12.97 -18.96
N THR A 232 23.95 -11.95 -18.65
CA THR A 232 25.32 -11.92 -19.12
C THR A 232 26.10 -13.13 -18.62
N ILE A 233 25.92 -13.49 -17.34
CA ILE A 233 26.68 -14.59 -16.78
C ILE A 233 26.31 -15.92 -17.42
N TYR A 234 25.01 -16.11 -17.72
CA TYR A 234 24.58 -17.34 -18.36
C TYR A 234 25.08 -17.46 -19.81
N THR A 235 24.98 -16.36 -20.57
CA THR A 235 25.33 -16.39 -21.98
C THR A 235 26.83 -16.29 -22.20
N SER A 236 27.53 -15.61 -21.29
CA SER A 236 28.99 -15.53 -21.35
C SER A 236 29.63 -16.79 -20.80
N GLY A 237 28.92 -17.59 -20.02
CA GLY A 237 29.44 -18.88 -19.58
C GLY A 237 30.27 -18.84 -18.31
N LYS A 238 29.92 -17.95 -17.36
CA LYS A 238 30.67 -17.78 -16.11
C LYS A 238 29.94 -18.29 -14.90
N ARG A 239 29.08 -19.29 -15.07
CA ARG A 239 28.55 -20.00 -13.94
C ARG A 239 29.60 -20.95 -13.38
N SER A 240 29.33 -21.43 -12.18
CA SER A 240 30.22 -22.36 -11.53
C SER A 240 30.23 -23.69 -12.26
N ASN A 241 31.41 -24.15 -12.66
CA ASN A 241 31.53 -25.51 -13.18
C ASN A 241 32.29 -26.39 -12.19
N THR A 242 31.76 -26.48 -10.97
CA THR A 242 32.40 -27.18 -9.85
C THR A 242 31.29 -27.50 -8.87
N THR A 243 31.59 -28.42 -7.93
CA THR A 243 30.70 -28.65 -6.79
C THR A 243 30.65 -27.45 -5.85
N GLY A 244 31.69 -26.61 -5.87
CA GLY A 244 31.80 -25.51 -4.93
C GLY A 244 31.07 -24.25 -5.40
N LYS A 245 31.01 -23.28 -4.48
CA LYS A 245 30.22 -22.08 -4.70
C LYS A 245 31.10 -20.96 -5.26
N LEU A 246 30.63 -20.32 -6.32
CA LEU A 246 31.35 -19.24 -6.99
C LEU A 246 30.65 -17.92 -6.66
N ILE A 247 31.40 -16.98 -6.11
CA ILE A 247 30.89 -15.66 -5.73
C ILE A 247 31.62 -14.62 -6.55
N TRP A 248 30.94 -14.03 -7.52
CA TRP A 248 31.47 -12.90 -8.27
C TRP A 248 31.35 -11.63 -7.45
N LYS A 249 32.26 -10.70 -7.70
CA LYS A 249 32.20 -9.38 -7.09
C LYS A 249 32.43 -8.33 -8.15
N VAL A 250 31.75 -7.21 -7.99
CA VAL A 250 31.64 -6.18 -8.99
C VAL A 250 32.28 -4.93 -8.41
N ASN A 251 33.45 -4.55 -8.93
CA ASN A 251 34.21 -3.44 -8.34
C ASN A 251 33.59 -2.10 -8.72
N PRO A 252 33.86 -1.04 -7.94
CA PRO A 252 32.99 0.15 -7.99
C PRO A 252 32.83 0.80 -9.37
N GLU A 253 33.81 0.70 -10.26
CA GLU A 253 33.85 1.59 -11.42
C GLU A 253 32.88 1.23 -12.53
N ILE A 254 32.13 0.14 -12.42
CA ILE A 254 31.10 -0.13 -13.41
C ILE A 254 29.86 0.70 -13.09
N ASP A 255 28.99 0.89 -14.07
CA ASP A 255 27.81 1.71 -13.88
C ASP A 255 26.55 0.85 -13.95
N THR A 256 25.56 1.24 -13.16
CA THR A 256 24.35 0.46 -12.96
C THR A 256 23.09 1.19 -13.43
N GLU A 260 20.80 9.39 -8.76
CA GLU A 260 19.70 8.61 -8.20
C GLU A 260 18.36 9.11 -8.70
N TRP A 261 17.70 8.29 -9.52
CA TRP A 261 16.40 8.61 -10.08
C TRP A 261 15.39 7.54 -9.69
N ALA A 262 14.12 7.95 -9.61
CA ALA A 262 13.04 7.03 -9.27
C ALA A 262 12.67 6.17 -10.48
N PHE A 263 11.97 5.07 -10.21
CA PHE A 263 11.68 4.09 -11.27
C PHE A 263 10.73 4.63 -12.32
N TRP A 264 9.83 5.55 -11.95
CA TRP A 264 8.80 6.00 -12.87
C TRP A 264 9.27 7.12 -13.80
N GLU A 265 10.47 7.67 -13.58
CA GLU A 265 10.97 8.74 -14.43
C GLU A 265 12.20 8.36 -15.23
N THR A 266 12.77 7.17 -15.02
CA THR A 266 13.90 6.69 -15.81
C THR A 266 13.75 5.21 -16.12
N LEU A 279 32.05 -6.14 -19.95
CA LEU A 279 32.40 -6.84 -18.71
C LEU A 279 33.50 -7.87 -18.97
N SER A 280 34.46 -7.93 -18.05
CA SER A 280 35.58 -8.87 -18.15
C SER A 280 35.69 -9.63 -16.84
N PHE A 281 35.55 -10.95 -16.90
CA PHE A 281 35.51 -11.78 -15.71
C PHE A 281 36.91 -12.33 -15.40
N THR A 282 37.25 -12.35 -14.11
CA THR A 282 38.55 -12.79 -13.64
C THR A 282 38.38 -13.55 -12.33
N VAL A 283 39.03 -14.71 -12.22
CA VAL A 283 38.95 -15.55 -11.04
C VAL A 283 40.15 -15.28 -10.15
N VAL A 284 39.91 -15.01 -8.87
CA VAL A 284 40.97 -14.77 -7.91
C VAL A 284 41.55 -16.11 -7.44
N UNK A 285 34.97 -22.70 -2.05
CA UNK A 285 34.66 -21.28 -2.00
C UNK A 285 35.60 -20.50 -2.90
N UNK A 286 35.13 -20.17 -4.11
CA UNK A 286 35.92 -19.48 -5.11
C UNK A 286 35.41 -18.05 -5.26
N UNK A 287 36.19 -17.09 -4.77
CA UNK A 287 35.89 -15.69 -4.99
C UNK A 287 36.43 -15.25 -6.35
N UNK A 288 35.92 -14.13 -6.84
CA UNK A 288 36.29 -13.62 -8.15
C UNK A 288 35.86 -12.16 -8.27
N UNK A 289 36.18 -11.57 -9.42
CA UNK A 289 35.89 -10.17 -9.66
C UNK A 289 35.53 -9.96 -11.13
N UNK A 290 34.62 -9.00 -11.37
CA UNK A 290 34.17 -8.65 -12.71
C UNK A 290 34.48 -7.19 -12.96
N UNK A 291 35.43 -6.91 -13.84
CA UNK A 291 35.84 -5.54 -14.14
C UNK A 291 35.08 -4.98 -15.33
N GLU B 1 -8.29 20.59 7.43
CA GLU B 1 -7.00 21.08 6.99
C GLU B 1 -6.70 20.64 5.56
N ALA B 2 -5.94 21.47 4.84
CA ALA B 2 -5.47 21.07 3.52
C ALA B 2 -4.29 20.11 3.66
N ILE B 3 -3.98 19.41 2.58
CA ILE B 3 -2.93 18.41 2.59
C ILE B 3 -1.74 18.93 1.81
N VAL B 4 -0.57 18.91 2.44
CA VAL B 4 0.67 19.42 1.88
C VAL B 4 1.61 18.24 1.72
N ASN B 5 1.83 17.80 0.48
CA ASN B 5 2.78 16.71 0.26
C ASN B 5 4.18 17.15 0.67
N ALA B 6 4.72 16.49 1.70
CA ALA B 6 6.05 16.77 2.23
C ALA B 6 6.98 15.57 2.07
N GLN B 7 6.80 14.81 0.99
CA GLN B 7 7.59 13.62 0.72
C GLN B 7 8.80 13.97 -0.14
N PRO B 8 9.86 13.15 -0.07
CA PRO B 8 11.02 13.41 -0.94
C PRO B 8 10.66 13.43 -2.43
N LYS B 9 9.73 12.57 -2.85
CA LYS B 9 9.29 12.51 -4.23
C LYS B 9 7.82 12.16 -4.27
N CYS B 10 7.22 12.32 -5.46
CA CYS B 10 5.84 11.93 -5.69
C CYS B 10 5.75 11.32 -7.07
N ASN B 11 5.29 10.07 -7.13
CA ASN B 11 4.88 9.50 -8.40
C ASN B 11 3.51 10.07 -8.75
N PRO B 12 3.42 10.96 -9.74
CA PRO B 12 2.16 11.67 -9.98
C PRO B 12 1.08 10.83 -10.64
N ASN B 13 1.39 9.61 -11.07
CA ASN B 13 0.43 8.73 -11.70
C ASN B 13 0.15 7.54 -10.79
N LEU B 14 -1.11 7.13 -10.74
CA LEU B 14 -1.54 6.02 -9.89
C LEU B 14 -2.03 4.88 -10.79
N HIS B 15 -1.17 3.88 -10.99
CA HIS B 15 -1.56 2.66 -11.68
C HIS B 15 -2.12 1.72 -10.62
N TYR B 16 -3.44 1.59 -10.57
CA TYR B 16 -4.08 0.93 -9.45
C TYR B 16 -4.68 -0.41 -9.84
N TRP B 17 -4.92 -1.23 -8.82
CA TRP B 17 -5.66 -2.48 -8.96
C TRP B 17 -6.76 -2.49 -7.90
N THR B 18 -7.88 -3.12 -8.24
CA THR B 18 -8.96 -3.33 -7.29
C THR B 18 -9.84 -4.47 -7.80
N THR B 19 -10.90 -4.75 -7.06
CA THR B 19 -11.91 -5.72 -7.47
C THR B 19 -13.17 -4.98 -7.92
N GLN B 20 -13.86 -5.55 -8.89
CA GLN B 20 -15.19 -5.12 -9.27
C GLN B 20 -16.19 -6.01 -8.52
N ASP B 21 -16.87 -5.47 -7.50
CA ASP B 21 -17.74 -6.29 -6.65
C ASP B 21 -19.01 -6.66 -7.41
N GLU B 22 -19.59 -5.74 -8.17
CA GLU B 22 -20.75 -6.07 -9.02
C GLU B 22 -20.25 -6.18 -10.45
N GLY B 23 -19.69 -7.35 -10.78
CA GLY B 23 -19.19 -7.60 -12.12
C GLY B 23 -20.30 -8.07 -13.04
N ALA B 24 -20.35 -7.49 -14.23
CA ALA B 24 -21.30 -7.93 -15.26
C ALA B 24 -20.80 -9.27 -15.80
N ALA B 25 -21.12 -10.33 -15.07
CA ALA B 25 -20.58 -11.65 -15.39
C ALA B 25 -21.08 -12.13 -16.75
N ILE B 26 -20.21 -12.88 -17.43
CA ILE B 26 -20.51 -13.43 -18.74
C ILE B 26 -20.71 -14.94 -18.57
N GLY B 27 -21.94 -15.39 -18.72
CA GLY B 27 -22.25 -16.81 -18.60
C GLY B 27 -22.09 -17.35 -17.20
N LEU B 28 -21.26 -18.38 -17.04
CA LEU B 28 -21.06 -19.06 -15.77
C LEU B 28 -19.89 -18.51 -14.97
N ALA B 29 -19.28 -17.40 -15.41
CA ALA B 29 -18.06 -16.90 -14.78
C ALA B 29 -18.27 -16.50 -13.32
N TRP B 30 -19.51 -16.21 -12.91
CA TRP B 30 -19.80 -15.85 -11.53
C TRP B 30 -19.80 -17.05 -10.59
N ILE B 31 -19.92 -18.26 -11.13
CA ILE B 31 -19.89 -19.46 -10.31
C ILE B 31 -18.48 -19.72 -9.83
N PRO B 32 -18.25 -19.84 -8.51
CA PRO B 32 -16.87 -20.07 -8.02
C PRO B 32 -16.18 -21.25 -8.67
N TYR B 33 -16.91 -22.34 -8.94
CA TYR B 33 -16.30 -23.53 -9.53
C TYR B 33 -15.74 -23.24 -10.92
N PHE B 34 -16.40 -22.36 -11.68
CA PHE B 34 -15.97 -22.06 -13.04
C PHE B 34 -15.20 -20.75 -13.15
N GLY B 35 -15.24 -19.89 -12.14
CA GLY B 35 -14.75 -18.56 -12.27
C GLY B 35 -13.24 -18.48 -12.16
N PRO B 36 -12.72 -17.25 -12.13
CA PRO B 36 -11.27 -17.07 -12.05
C PRO B 36 -10.72 -17.46 -10.69
N ALA B 37 -9.44 -17.80 -10.69
CA ALA B 37 -8.71 -18.06 -9.46
C ALA B 37 -8.45 -16.74 -8.74
N ALA B 38 -7.78 -16.84 -7.58
CA ALA B 38 -7.53 -15.66 -6.77
C ALA B 38 -6.74 -14.59 -7.52
N GLU B 39 -5.83 -15.00 -8.41
CA GLU B 39 -4.98 -14.06 -9.12
C GLU B 39 -5.70 -13.34 -10.26
N GLY B 40 -6.88 -13.80 -10.67
CA GLY B 40 -7.54 -13.23 -11.83
C GLY B 40 -8.84 -12.50 -11.53
N ILE B 41 -8.99 -11.96 -10.32
CA ILE B 41 -10.21 -11.23 -9.94
C ILE B 41 -10.04 -9.73 -10.00
N TYR B 42 -8.89 -9.23 -10.45
CA TYR B 42 -8.57 -7.82 -10.33
C TYR B 42 -8.85 -7.07 -11.63
N ILE B 43 -9.30 -5.84 -11.49
CA ILE B 43 -9.33 -4.89 -12.59
C ILE B 43 -8.21 -3.88 -12.34
N GLU B 44 -7.85 -3.15 -13.39
CA GLU B 44 -6.79 -2.16 -13.32
C GLU B 44 -7.27 -0.85 -13.94
N GLY B 45 -6.57 0.23 -13.59
CA GLY B 45 -6.82 1.54 -14.16
C GLY B 45 -5.63 2.43 -13.91
N LEU B 46 -5.66 3.60 -14.56
CA LEU B 46 -4.58 4.57 -14.47
C LEU B 46 -5.18 5.94 -14.19
N MET B 47 -4.68 6.61 -13.14
CA MET B 47 -5.12 7.95 -12.78
C MET B 47 -3.94 8.90 -12.79
N HIS B 48 -4.15 10.09 -13.34
CA HIS B 48 -3.14 11.12 -13.40
C HIS B 48 -3.36 12.17 -12.30
N ASN B 49 -2.39 13.06 -12.14
CA ASN B 49 -2.38 14.01 -11.02
C ASN B 49 -3.30 15.21 -11.26
N GLN B 50 -4.48 15.00 -11.82
CA GLN B 50 -5.43 16.11 -11.98
C GLN B 50 -5.80 16.67 -10.62
N ASP B 51 -5.81 18.00 -10.52
CA ASP B 51 -6.06 18.70 -9.26
C ASP B 51 -5.08 18.31 -8.16
N GLY B 52 -3.94 17.73 -8.51
CA GLY B 52 -2.97 17.30 -7.52
C GLY B 52 -3.48 16.21 -6.59
N LEU B 53 -4.49 15.46 -7.01
CA LEU B 53 -5.10 14.48 -6.11
C LEU B 53 -4.18 13.30 -5.82
N ILE B 54 -3.32 12.91 -6.78
CA ILE B 54 -2.46 11.76 -6.53
C ILE B 54 -1.40 12.09 -5.49
N CYS B 55 -0.71 13.22 -5.67
CA CYS B 55 0.30 13.63 -4.69
C CYS B 55 -0.34 13.94 -3.35
N GLY B 56 -1.54 14.50 -3.35
CA GLY B 56 -2.26 14.70 -2.10
C GLY B 56 -2.66 13.38 -1.45
N LEU B 57 -3.07 12.40 -2.26
CA LEU B 57 -3.48 11.11 -1.70
C LEU B 57 -2.31 10.39 -1.05
N ARG B 58 -1.13 10.46 -1.67
CA ARG B 58 0.06 9.85 -1.07
C ARG B 58 0.36 10.47 0.29
N GLN B 59 0.22 11.81 0.39
CA GLN B 59 0.44 12.47 1.67
C GLN B 59 -0.65 12.13 2.67
N LEU B 60 -1.90 12.03 2.20
CA LEU B 60 -3.00 11.68 3.09
C LEU B 60 -2.80 10.29 3.69
N ALA B 61 -2.50 9.29 2.86
CA ALA B 61 -2.21 7.96 3.39
C ALA B 61 -1.08 8.01 4.39
N ASN B 62 -0.03 8.77 4.07
CA ASN B 62 1.08 8.97 5.00
C ASN B 62 0.61 9.53 6.33
N GLU B 63 -0.18 10.61 6.30
CA GLU B 63 -0.60 11.28 7.53
C GLU B 63 -1.66 10.51 8.31
N THR B 64 -2.36 9.59 7.64
CA THR B 64 -3.37 8.77 8.28
C THR B 64 -2.75 7.72 9.21
N THR B 65 -1.47 7.39 9.02
CA THR B 65 -0.90 6.19 9.62
C THR B 65 -0.91 6.26 11.15
N GLN B 66 -0.53 7.40 11.73
CA GLN B 66 -0.47 7.50 13.18
C GLN B 66 -1.81 7.19 13.82
N ALA B 67 -2.88 7.85 13.37
CA ALA B 67 -4.20 7.62 13.93
C ALA B 67 -4.67 6.19 13.67
N LEU B 68 -4.39 5.66 12.47
CA LEU B 68 -4.78 4.29 12.17
C LEU B 68 -4.05 3.30 13.06
N GLN B 69 -2.74 3.50 13.27
CA GLN B 69 -1.98 2.60 14.13
C GLN B 69 -2.45 2.65 15.57
N LEU B 70 -2.79 3.86 16.06
CA LEU B 70 -3.30 3.98 17.42
C LEU B 70 -4.67 3.32 17.57
N PHE B 71 -5.52 3.43 16.54
CA PHE B 71 -6.78 2.70 16.54
C PHE B 71 -6.54 1.19 16.59
N LEU B 72 -5.59 0.69 15.79
CA LEU B 72 -5.34 -0.74 15.77
C LEU B 72 -4.76 -1.23 17.08
N ARG B 73 -3.93 -0.40 17.73
CA ARG B 73 -3.38 -0.77 19.03
C ARG B 73 -4.48 -0.96 20.07
N ALA B 74 -5.55 -0.15 19.99
CA ALA B 74 -6.60 -0.17 21.00
C ALA B 74 -7.68 -1.21 20.74
N THR B 75 -7.78 -1.74 19.53
CA THR B 75 -8.77 -2.76 19.25
C THR B 75 -8.23 -4.15 19.55
N THR B 76 -9.12 -5.06 19.92
CA THR B 76 -8.80 -6.47 20.12
C THR B 76 -9.20 -7.32 18.93
N GLU B 77 -9.86 -6.74 17.92
CA GLU B 77 -10.13 -7.46 16.69
C GLU B 77 -8.83 -7.78 16.00
N LEU B 78 -8.68 -9.02 15.55
CA LEU B 78 -7.45 -9.40 14.84
C LEU B 78 -7.41 -8.76 13.46
N ARG B 79 -8.55 -8.72 12.78
CA ARG B 79 -8.66 -8.13 11.45
C ARG B 79 -9.83 -7.16 11.45
N THR B 80 -9.57 -5.91 11.07
CA THR B 80 -10.55 -4.84 11.14
C THR B 80 -11.11 -4.55 9.75
N PHE B 81 -12.43 -4.77 9.60
CA PHE B 81 -13.14 -4.53 8.35
C PHE B 81 -14.19 -3.42 8.47
N SER B 82 -14.27 -2.75 9.61
CA SER B 82 -15.44 -1.93 9.93
C SER B 82 -15.19 -0.43 9.92
N ILE B 83 -14.00 0.02 9.53
CA ILE B 83 -13.69 1.45 9.62
C ILE B 83 -14.63 2.27 8.75
N LEU B 84 -14.85 1.84 7.50
CA LEU B 84 -15.66 2.65 6.60
C LEU B 84 -17.13 2.65 7.00
N ASN B 85 -17.63 1.50 7.45
CA ASN B 85 -19.02 1.44 7.92
C ASN B 85 -19.22 2.30 9.16
N ARG B 86 -18.23 2.33 10.05
CA ARG B 86 -18.33 3.20 11.21
C ARG B 86 -18.28 4.67 10.80
N LYS B 87 -17.49 5.00 9.77
CA LYS B 87 -17.48 6.36 9.27
C LYS B 87 -18.86 6.76 8.73
N ALA B 88 -19.52 5.84 8.03
CA ALA B 88 -20.84 6.13 7.50
C ALA B 88 -21.84 6.37 8.61
N ILE B 89 -21.79 5.56 9.66
CA ILE B 89 -22.67 5.76 10.81
C ILE B 89 -22.41 7.11 11.46
N ASP B 90 -21.13 7.46 11.65
CA ASP B 90 -20.81 8.74 12.27
C ASP B 90 -21.23 9.92 11.39
N PHE B 91 -21.16 9.75 10.07
CA PHE B 91 -21.69 10.76 9.16
C PHE B 91 -23.16 11.03 9.46
N LEU B 92 -23.96 9.96 9.57
CA LEU B 92 -25.38 10.10 9.84
C LEU B 92 -25.65 10.65 11.23
N LEU B 93 -24.90 10.17 12.23
CA LEU B 93 -25.12 10.64 13.61
C LEU B 93 -24.78 12.12 13.76
N GLN B 94 -23.79 12.60 13.03
CA GLN B 94 -23.41 14.01 13.15
C GLN B 94 -24.54 14.91 12.68
N ARG B 95 -25.28 14.48 11.66
CA ARG B 95 -26.36 15.29 11.09
C ARG B 95 -27.71 14.98 11.72
N TRP B 96 -27.97 13.72 12.06
CA TRP B 96 -29.29 13.28 12.47
C TRP B 96 -29.32 12.66 13.86
N GLY B 97 -28.24 12.81 14.64
CA GLY B 97 -28.21 12.23 15.97
C GLY B 97 -29.00 12.99 17.01
N GLY B 98 -29.49 14.17 16.68
CA GLY B 98 -30.32 14.92 17.60
C GLY B 98 -31.48 15.57 16.88
N THR B 99 -32.19 16.46 17.56
CA THR B 99 -33.26 17.19 16.92
C THR B 99 -32.69 18.11 15.85
N CYS B 100 -33.33 18.13 14.68
CA CYS B 100 -32.90 19.00 13.58
C CYS B 100 -33.64 20.32 13.68
N HIS B 101 -32.95 21.36 14.16
CA HIS B 101 -33.52 22.70 14.25
C HIS B 101 -33.37 23.37 12.89
N ILE B 102 -34.48 23.54 12.18
CA ILE B 102 -34.44 24.12 10.84
C ILE B 102 -33.84 25.53 10.89
N LEU B 103 -33.06 25.85 9.84
CA LEU B 103 -32.24 27.06 9.67
C LEU B 103 -30.96 27.00 10.50
N GLY B 104 -30.88 26.06 11.43
CA GLY B 104 -29.69 25.88 12.21
C GLY B 104 -28.52 25.48 11.33
N PRO B 105 -27.31 25.86 11.73
CA PRO B 105 -26.13 25.53 10.91
C PRO B 105 -25.81 24.04 10.90
N ASP B 106 -26.30 23.27 11.87
CA ASP B 106 -26.02 21.84 11.94
C ASP B 106 -27.22 20.98 11.56
N CYS B 107 -28.26 21.58 11.01
CA CYS B 107 -29.44 20.88 10.53
C CYS B 107 -29.48 20.98 9.01
N CYS B 108 -29.35 19.85 8.33
CA CYS B 108 -29.25 19.79 6.86
C CYS B 108 -30.63 19.59 6.25
N ILE B 109 -31.48 20.59 6.45
CA ILE B 109 -32.82 20.61 5.87
C ILE B 109 -32.99 21.92 5.11
N GLU B 110 -33.37 21.83 3.84
CA GLU B 110 -33.53 23.01 2.99
C GLU B 110 -35.01 23.30 2.79
N PRO B 111 -35.54 24.38 3.34
CA PRO B 111 -36.92 24.74 3.07
C PRO B 111 -37.07 25.82 1.99
N ALA B 112 -36.10 25.93 1.08
CA ALA B 112 -36.12 27.01 0.10
C ALA B 112 -37.30 26.91 -0.85
N ASP B 113 -37.41 25.78 -1.55
CA ASP B 113 -38.53 25.59 -2.46
C ASP B 113 -39.84 25.36 -1.74
N TRP B 114 -39.80 25.16 -0.43
CA TRP B 114 -41.07 25.06 0.28
C TRP B 114 -41.57 26.42 0.75
N THR B 115 -40.68 27.41 0.95
CA THR B 115 -41.15 28.76 1.25
C THR B 115 -41.82 29.40 0.04
N LYS B 116 -41.34 29.10 -1.18
CA LYS B 116 -42.08 29.55 -2.35
C LYS B 116 -43.37 28.77 -2.52
N ASN B 117 -43.50 27.59 -1.92
CA ASN B 117 -44.85 27.00 -1.94
C ASN B 117 -45.83 27.79 -1.11
N ILE B 118 -45.36 28.48 -0.07
CA ILE B 118 -46.25 29.29 0.73
C ILE B 118 -46.10 30.79 0.50
N THR B 119 -44.95 31.27 -0.01
CA THR B 119 -44.93 32.69 -0.35
C THR B 119 -45.62 32.96 -1.70
N ASP B 120 -45.79 31.96 -2.56
CA ASP B 120 -46.78 32.15 -3.64
C ASP B 120 -48.20 31.97 -3.13
N LYS B 121 -48.36 31.35 -1.96
CA LYS B 121 -49.62 31.18 -1.26
C LYS B 121 -49.82 32.25 -0.19
N ILE B 122 -49.31 33.46 -0.44
CA ILE B 122 -49.79 34.64 0.28
C ILE B 122 -50.99 35.24 -0.43
N ASP B 123 -50.99 35.19 -1.77
CA ASP B 123 -52.09 35.55 -2.63
C ASP B 123 -53.21 34.49 -2.65
N GLN B 124 -53.06 33.48 -1.78
CA GLN B 124 -54.18 32.63 -1.42
C GLN B 124 -55.39 33.46 -1.05
N ILE B 125 -55.18 34.38 -0.12
CA ILE B 125 -56.21 34.84 0.80
C ILE B 125 -56.14 36.35 0.92
N ILE B 126 -54.94 36.91 0.72
CA ILE B 126 -54.79 38.36 0.70
C ILE B 126 -55.08 38.93 -0.68
N HIS B 127 -54.83 38.16 -1.75
CA HIS B 127 -55.22 38.59 -3.09
C HIS B 127 -56.71 38.41 -3.31
N ASP B 128 -57.21 37.20 -3.04
CA ASP B 128 -58.65 36.90 -3.17
C ASP B 128 -59.32 37.26 -1.85
N PHE B 129 -59.64 38.56 -1.72
CA PHE B 129 -60.25 39.11 -0.52
C PHE B 129 -61.37 40.07 -0.92
N VAL B 130 -62.40 39.53 -1.57
CA VAL B 130 -63.51 40.33 -2.05
C VAL B 130 -64.42 40.75 -0.90
C1 NAG C . 5.36 9.89 6.21
C2 NAG C . 6.11 8.65 6.69
C3 NAG C . 7.35 9.05 7.48
C4 NAG C . 8.22 10.00 6.69
C5 NAG C . 7.42 11.17 6.12
C6 NAG C . 8.20 11.99 5.12
C7 NAG C . 5.01 6.52 7.21
C8 NAG C . 4.10 5.79 8.15
N2 NAG C . 5.24 7.80 7.49
O3 NAG C . 8.04 7.86 7.84
O4 NAG C . 9.20 10.59 7.56
O5 NAG C . 6.25 10.70 5.44
O6 NAG C . 8.50 11.28 3.93
O7 NAG C . 5.49 5.97 6.22
C1 NAG C . 10.32 9.75 7.88
C2 NAG C . 11.60 10.51 7.63
C3 NAG C . 12.80 9.62 7.93
C4 NAG C . 12.73 9.10 9.36
C5 NAG C . 11.37 8.47 9.67
C6 NAG C . 11.18 8.21 11.15
C7 NAG C . 11.63 12.34 6.00
C8 NAG C . 11.71 12.72 4.55
N2 NAG C . 11.67 11.03 6.27
O3 NAG C . 13.99 10.37 7.74
O4 NAG C . 13.74 8.12 9.56
O5 NAG C . 10.28 9.31 9.25
O6 NAG C . 9.94 7.59 11.43
O7 NAG C . 11.52 13.18 6.88
C1 BMA C . 14.77 8.63 10.46
C2 BMA C . 15.30 7.50 11.39
C3 BMA C . 16.39 8.08 12.32
C4 BMA C . 17.43 8.89 11.53
C5 BMA C . 16.73 9.90 10.60
C6 BMA C . 17.67 10.76 9.78
O2 BMA C . 15.94 6.48 10.64
O3 BMA C . 17.02 7.08 13.11
O4 BMA C . 18.28 9.59 12.43
O5 BMA C . 15.85 9.19 9.73
O6 BMA C . 18.41 9.98 8.88
C1 MAN C . 19.33 10.89 8.24
C2 MAN C . 19.33 10.58 6.71
C3 MAN C . 20.45 11.34 5.97
C4 MAN C . 21.46 11.98 6.94
C5 MAN C . 21.78 11.00 8.07
C6 MAN C . 22.86 11.53 8.99
O2 MAN C . 18.12 11.02 6.10
O3 MAN C . 19.92 12.31 5.07
O4 MAN C . 22.65 12.30 6.24
O5 MAN C . 20.61 10.78 8.88
O6 MAN C . 22.35 12.69 9.65
C1 NAG D . 19.03 -15.74 -15.43
C2 NAG D . 17.53 -15.79 -15.14
C3 NAG D . 16.97 -17.16 -15.48
C4 NAG D . 17.30 -17.52 -16.93
C5 NAG D . 18.81 -17.43 -17.16
C6 NAG D . 19.21 -17.66 -18.59
C7 NAG D . 16.42 -14.47 -13.39
C8 NAG D . 16.26 -14.24 -11.93
N2 NAG D . 17.25 -15.44 -13.76
O3 NAG D . 15.56 -17.16 -15.31
O4 NAG D . 16.86 -18.84 -17.22
O5 NAG D . 19.28 -16.11 -16.81
O6 NAG D . 18.47 -16.82 -19.48
O7 NAG D . 15.82 -13.78 -14.23
C1 NAG E . 18.34 -25.25 -5.85
C2 NAG E . 17.64 -26.19 -6.83
C3 NAG E . 16.16 -26.31 -6.48
C4 NAG E . 15.98 -26.72 -5.03
C5 NAG E . 16.75 -25.77 -4.12
C6 NAG E . 16.72 -26.18 -2.66
C7 NAG E . 18.65 -26.31 -9.06
C8 NAG E . 18.71 -25.70 -10.42
N2 NAG E . 17.82 -25.73 -8.20
O3 NAG E . 15.55 -27.27 -7.34
O4 NAG E . 14.60 -26.70 -4.68
O5 NAG E . 18.13 -25.71 -4.51
O6 NAG E . 17.69 -25.47 -1.90
O7 NAG E . 19.33 -27.28 -8.75
C1 NAG F . 26.13 -1.69 14.78
C2 NAG F . 26.77 -1.41 16.15
C3 NAG F . 28.06 -0.61 15.99
C4 NAG F . 28.84 -1.11 14.79
C5 NAG F . 28.09 -0.70 13.53
C6 NAG F . 28.38 -1.60 12.35
C7 NAG F . 25.81 -0.90 18.36
C8 NAG F . 24.78 -0.11 19.11
N2 NAG F . 25.84 -0.72 17.04
O3 NAG F . 28.84 -0.74 17.17
O4 NAG F . 30.14 -0.52 14.77
O5 NAG F . 26.66 -0.75 13.75
O6 NAG F . 28.05 -0.97 11.12
O7 NAG F . 26.59 -1.68 18.92
C1 NAG G . 34.23 -22.74 -16.17
C2 NAG G . 33.88 -22.02 -17.48
C3 NAG G . 34.90 -20.91 -17.75
C4 NAG G . 35.02 -19.99 -16.56
C5 NAG G . 35.33 -20.79 -15.30
C6 NAG G . 35.37 -19.95 -14.05
C7 NAG G . 33.15 -22.70 -19.72
C8 NAG G . 33.19 -23.77 -20.76
N2 NAG G . 33.82 -22.96 -18.59
O3 NAG G . 34.48 -20.16 -18.90
O4 NAG G . 36.06 -19.04 -16.78
O5 NAG G . 34.32 -21.79 -15.10
O6 NAG G . 35.62 -20.75 -12.89
O7 NAG G . 32.55 -21.64 -19.91
C1 GOL H . 8.01 -16.20 16.37
O1 GOL H . 6.70 -16.02 15.95
C2 GOL H . 8.63 -17.35 15.53
O2 GOL H . 8.42 -18.60 16.11
C3 GOL H . 7.96 -17.26 14.14
O3 GOL H . 6.82 -18.06 14.19
C1 GOL I . 6.53 -0.42 -2.13
O1 GOL I . 6.73 0.79 -1.47
C2 GOL I . 7.82 -1.30 -2.02
O2 GOL I . 7.51 -2.61 -1.72
C3 GOL I . 8.70 -0.66 -0.93
O3 GOL I . 10.01 -0.65 -1.41
C1 GOL J . 2.29 9.58 11.03
O1 GOL J . 1.22 9.81 10.17
C2 GOL J . 3.59 9.64 10.18
O2 GOL J . 3.34 9.45 8.84
C3 GOL J . 4.20 11.03 10.47
O3 GOL J . 5.49 11.02 9.95
C1 GOL K . -19.24 -3.57 13.82
O1 GOL K . -19.14 -3.34 12.44
C2 GOL K . -18.24 -4.72 14.20
O2 GOL K . -18.43 -5.88 13.44
C3 GOL K . -16.84 -4.11 14.02
O3 GOL K . -16.13 -4.33 15.18
C1 CXX L . -10.88 6.30 -6.70
C2 CXX L . -10.48 4.98 -6.57
C3 CXX L . -9.19 4.68 -6.15
C4 CXX L . -8.32 5.73 -5.87
C5 CXX L . -7.65 8.10 -5.66
C6 CXX L . -7.89 9.47 -6.30
C8 CXX L . -9.71 11.73 -3.86
C9 CXX L . -11.02 11.29 -4.04
C10 CXX L . -11.29 10.27 -4.95
C11 CXX L . -10.27 9.69 -5.67
C13 CXX L . -8.70 7.06 -6.00
C14 CXX L . -10.01 7.35 -6.42
C17 CXX L . -12.13 10.99 -8.91
C18 CXX L . -12.78 12.92 -10.17
C7 CXX L . -8.69 11.15 -4.59
C12 CXX L . -8.97 10.13 -5.50
C15 CXX L . -11.38 8.91 -7.74
C16 CXX L . -10.94 10.23 -8.37
C19 CXX L . -11.39 11.25 -11.18
N1 CXX L . -10.52 8.65 -6.59
N2 CXX L . -11.69 11.96 -9.93
CL2 CXX L . -11.63 3.64 -6.93
#